data_4I05
#
_entry.id   4I05
#
_cell.length_a   93.859
_cell.length_b   50.988
_cell.length_c   62.546
_cell.angle_alpha   90.00
_cell.angle_beta   91.31
_cell.angle_gamma   90.00
#
_symmetry.space_group_name_H-M   'C 1 2 1'
#
loop_
_entity.id
_entity.type
_entity.pdbx_description
1 polymer 'Cathepsin B-like peptidase (C01 family)'
2 non-polymer 'SODIUM ION'
3 water water
#
_entity_poly.entity_id   1
_entity_poly.type   'polypeptide(L)'
_entity_poly.pdbx_seq_one_letter_code
;LDDARIQMGARREEPDLRRTRRPTVDHNDWNVEIPSSFDSRKKWPRCKSIATIRDQSRCGS(CSO)WAFGAVEAMSDRSC
IQSGGKQNVELSAVDLLSCCESCGLGCEGGILGPAWDYWVKEGIVTGSSKENHAGCEPYPFPKCEHHTKGKYPPCGSKIY
KTPRCKQTCQKKYKTPYTQDKHRGKSSYNVKNDEKAIQKEIMKYGPVEAGFTVYEDFLNYKSGIYKHITGETLGGHAIRI
IGWGVENKAPYWLIANSWNEDWGENGYFRIVRGRDECSIESEVTAGRIN
;
_entity_poly.pdbx_strand_id   A
#
loop_
_chem_comp.id
_chem_comp.type
_chem_comp.name
_chem_comp.formula
NA non-polymer 'SODIUM ION' 'Na 1'
#
# COMPACT_ATOMS: atom_id res chain seq x y z
N GLY A 9 11.87 -3.07 -7.76
CA GLY A 9 11.02 -2.66 -6.61
C GLY A 9 10.53 -3.86 -5.82
N ALA A 10 9.20 -4.00 -5.74
CA ALA A 10 8.55 -5.08 -4.99
C ALA A 10 8.89 -6.45 -5.55
N ARG A 11 9.19 -7.39 -4.67
CA ARG A 11 9.41 -8.75 -5.13
C ARG A 11 8.53 -9.73 -4.38
N ARG A 12 8.26 -10.87 -5.00
CA ARG A 12 7.34 -11.84 -4.42
C ARG A 12 8.03 -12.61 -3.30
N GLU A 13 7.27 -12.84 -2.24
CA GLU A 13 7.74 -13.62 -1.11
C GLU A 13 7.89 -15.09 -1.52
N GLU A 14 8.94 -15.76 -1.05
CA GLU A 14 9.10 -17.21 -1.30
C GLU A 14 7.81 -17.93 -0.85
N PRO A 15 7.30 -18.87 -1.66
CA PRO A 15 5.99 -19.42 -1.38
C PRO A 15 5.96 -20.26 -0.12
N ASP A 16 7.08 -20.94 0.23
CA ASP A 16 7.12 -21.64 1.51
C ASP A 16 6.99 -20.67 2.68
N LEU A 17 7.63 -19.49 2.58
CA LEU A 17 7.48 -18.45 3.61
C LEU A 17 6.07 -17.86 3.65
N ARG A 18 5.52 -17.58 2.47
CA ARG A 18 4.18 -16.97 2.40
C ARG A 18 3.09 -17.86 3.05
N ARG A 19 3.20 -19.16 2.83
CA ARG A 19 2.29 -20.22 3.28
CA ARG A 19 2.19 -20.08 3.33
C ARG A 19 2.40 -20.43 4.80
N THR A 20 3.58 -20.19 5.34
CA THR A 20 3.85 -20.56 6.75
C THR A 20 3.82 -19.37 7.72
N ARG A 21 4.20 -18.20 7.21
CA ARG A 21 4.26 -17.01 8.05
C ARG A 21 2.88 -16.50 8.52
N ARG A 22 1.84 -16.71 7.71
CA ARG A 22 0.47 -16.23 8.04
C ARG A 22 -0.59 -17.08 7.33
N PRO A 23 -1.83 -17.12 7.87
CA PRO A 23 -2.97 -17.80 7.24
C PRO A 23 -3.37 -17.14 5.92
N THR A 24 -4.16 -17.86 5.10
CA THR A 24 -4.80 -17.27 3.92
C THR A 24 -6.32 -17.29 4.13
N VAL A 25 -6.99 -16.16 3.88
CA VAL A 25 -8.46 -16.12 4.04
C VAL A 25 -9.17 -16.14 2.67
N ASP A 26 -10.39 -16.69 2.65
CA ASP A 26 -11.18 -16.79 1.40
C ASP A 26 -12.62 -16.30 1.52
N HIS A 27 -13.13 -16.14 2.74
CA HIS A 27 -14.50 -15.71 2.99
C HIS A 27 -15.56 -16.57 2.30
N ASN A 28 -15.24 -17.83 2.02
CA ASN A 28 -16.23 -18.73 1.38
C ASN A 28 -17.52 -18.94 2.17
N ASP A 29 -17.44 -18.87 3.50
CA ASP A 29 -18.63 -19.03 4.38
C ASP A 29 -19.47 -17.77 4.42
N TRP A 30 -18.95 -16.69 3.86
CA TRP A 30 -19.68 -15.44 3.93
C TRP A 30 -20.54 -15.28 2.67
N ASN A 31 -21.85 -15.39 2.82
CA ASN A 31 -22.78 -15.32 1.69
C ASN A 31 -23.45 -13.95 1.55
N VAL A 32 -22.63 -12.95 1.30
CA VAL A 32 -23.08 -11.57 1.18
C VAL A 32 -23.27 -11.26 -0.30
N GLU A 33 -24.21 -10.36 -0.58
CA GLU A 33 -24.34 -9.81 -1.91
C GLU A 33 -23.14 -8.90 -2.22
N ILE A 34 -22.43 -9.18 -3.31
CA ILE A 34 -21.30 -8.33 -3.69
C ILE A 34 -21.81 -7.24 -4.64
N PRO A 35 -21.70 -5.95 -4.25
CA PRO A 35 -22.25 -4.94 -5.18
C PRO A 35 -21.41 -4.90 -6.48
N SER A 36 -21.99 -4.41 -7.58
CA SER A 36 -21.23 -4.39 -8.82
C SER A 36 -20.07 -3.37 -8.80
N SER A 37 -20.13 -2.41 -7.87
CA SER A 37 -19.02 -1.47 -7.68
C SER A 37 -18.93 -1.14 -6.19
N PHE A 38 -17.73 -0.74 -5.76
CA PHE A 38 -17.48 -0.44 -4.37
C PHE A 38 -16.31 0.54 -4.34
N ASP A 39 -16.40 1.55 -3.47
CA ASP A 39 -15.30 2.50 -3.30
C ASP A 39 -15.18 2.71 -1.78
N SER A 40 -14.05 2.26 -1.22
CA SER A 40 -13.77 2.45 0.21
C SER A 40 -13.93 3.92 0.63
N ARG A 41 -13.60 4.86 -0.27
CA ARG A 41 -13.76 6.30 0.09
C ARG A 41 -15.22 6.69 0.40
N LYS A 42 -16.16 6.01 -0.25
CA LYS A 42 -17.57 6.25 -0.08
C LYS A 42 -18.15 5.53 1.13
N LYS A 43 -17.66 4.32 1.41
CA LYS A 43 -18.24 3.56 2.52
C LYS A 43 -17.80 4.14 3.84
N TRP A 44 -16.54 4.61 3.89
CA TRP A 44 -16.00 5.18 5.13
C TRP A 44 -15.50 6.62 4.95
N PRO A 45 -16.44 7.58 4.75
CA PRO A 45 -16.01 8.93 4.34
C PRO A 45 -15.30 9.73 5.43
N ARG A 46 -15.44 9.33 6.69
CA ARG A 46 -14.74 10.00 7.75
C ARG A 46 -13.30 9.50 7.98
N CYS A 47 -12.90 8.46 7.28
CA CYS A 47 -11.50 8.01 7.35
C CYS A 47 -10.64 8.67 6.25
N LYS A 48 -10.06 9.82 6.58
CA LYS A 48 -9.41 10.68 5.59
C LYS A 48 -8.21 10.06 4.86
N SER A 49 -7.52 9.12 5.50
CA SER A 49 -6.41 8.41 4.86
C SER A 49 -6.81 7.68 3.57
N ILE A 50 -8.05 7.22 3.48
CA ILE A 50 -8.41 6.35 2.37
C ILE A 50 -8.29 7.14 1.05
N ALA A 51 -8.59 8.44 1.11
CA ALA A 51 -8.59 9.29 -0.08
C ALA A 51 -7.27 10.06 -0.25
N THR A 52 -6.25 9.70 0.52
CA THR A 52 -4.95 10.36 0.51
C THR A 52 -3.98 9.62 -0.42
N ILE A 53 -3.42 10.32 -1.39
CA ILE A 53 -2.40 9.71 -2.26
C ILE A 53 -1.01 10.14 -1.72
N ARG A 54 -0.06 9.19 -1.61
CA ARG A 54 1.30 9.49 -1.10
C ARG A 54 2.31 9.47 -2.23
N ASP A 55 3.56 9.86 -1.91
CA ASP A 55 4.68 9.84 -2.88
C ASP A 55 5.86 9.13 -2.25
N GLN A 56 6.27 8.00 -2.84
CA GLN A 56 7.44 7.27 -2.35
C GLN A 56 8.78 7.94 -2.66
N SER A 57 8.75 8.90 -3.58
CA SER A 57 9.91 9.70 -3.95
C SER A 57 10.94 8.80 -4.66
N ARG A 58 12.22 9.15 -4.59
CA ARG A 58 13.31 8.45 -5.30
C ARG A 58 13.81 7.22 -4.50
N CYS A 59 12.88 6.32 -4.23
CA CYS A 59 13.14 5.21 -3.29
C CYS A 59 12.20 4.07 -3.70
N GLY A 60 12.70 2.84 -3.74
CA GLY A 60 11.87 1.69 -4.15
C GLY A 60 11.09 1.14 -2.97
N SER A 61 10.37 2.02 -2.29
CA SER A 61 9.66 1.68 -1.06
C SER A 61 8.15 1.50 -1.30
N CSO A 62 7.76 1.21 -2.54
CA CSO A 62 6.33 0.92 -2.84
CB CSO A 62 6.08 0.56 -4.31
SG CSO A 62 7.03 -0.82 -4.86
C CSO A 62 5.77 -0.15 -1.90
O CSO A 62 4.62 0.00 -1.41
OD CSO A 62 8.62 -0.14 -5.43
N TRP A 63 6.55 -1.19 -1.60
CA TRP A 63 6.10 -2.23 -0.64
C TRP A 63 5.69 -1.66 0.72
N ALA A 64 6.44 -0.68 1.21
CA ALA A 64 6.17 -0.04 2.50
C ALA A 64 4.98 0.91 2.37
N PHE A 65 4.84 1.57 1.23
CA PHE A 65 3.77 2.53 1.04
C PHE A 65 2.41 1.87 0.98
N GLY A 66 2.28 0.82 0.17
CA GLY A 66 0.99 0.10 0.06
C GLY A 66 0.58 -0.40 1.43
N ALA A 67 1.58 -0.83 2.21
CA ALA A 67 1.36 -1.33 3.56
C ALA A 67 0.85 -0.21 4.53
N VAL A 68 1.64 0.83 4.74
CA VAL A 68 1.27 1.80 5.78
C VAL A 68 0.00 2.56 5.37
N GLU A 69 -0.20 2.73 4.07
CA GLU A 69 -1.47 3.31 3.59
C GLU A 69 -2.68 2.42 3.94
N ALA A 70 -2.64 1.13 3.57
CA ALA A 70 -3.78 0.25 3.93
C ALA A 70 -3.92 0.11 5.47
N MET A 71 -2.80 0.10 6.17
CA MET A 71 -2.84 0.02 7.64
C MET A 71 -3.48 1.25 8.28
N SER A 72 -3.16 2.43 7.75
CA SER A 72 -3.72 3.68 8.30
C SER A 72 -5.25 3.62 8.04
N ASP A 73 -5.67 3.26 6.81
CA ASP A 73 -7.12 3.06 6.50
C ASP A 73 -7.82 2.16 7.52
N ARG A 74 -7.24 0.97 7.71
CA ARG A 74 -7.84 -0.08 8.51
C ARG A 74 -7.90 0.27 9.98
N SER A 75 -6.92 1.04 10.46
CA SER A 75 -6.91 1.51 11.84
C SER A 75 -8.14 2.38 12.08
N CYS A 76 -8.49 3.21 11.08
CA CYS A 76 -9.67 4.07 11.24
C CYS A 76 -10.96 3.23 11.05
N ILE A 77 -11.00 2.44 9.99
CA ILE A 77 -12.22 1.66 9.68
C ILE A 77 -12.62 0.73 10.82
N GLN A 78 -11.65 -0.04 11.29
CA GLN A 78 -11.92 -1.15 12.24
C GLN A 78 -12.03 -0.66 13.68
N SER A 79 -11.76 0.62 13.92
CA SER A 79 -12.02 1.22 15.25
C SER A 79 -13.26 2.11 15.24
N GLY A 80 -13.99 2.12 14.12
CA GLY A 80 -15.13 3.02 13.95
C GLY A 80 -14.77 4.49 13.98
N GLY A 81 -13.60 4.82 13.43
CA GLY A 81 -13.16 6.20 13.35
C GLY A 81 -12.50 6.76 14.60
N LYS A 82 -12.23 5.91 15.60
CA LYS A 82 -11.59 6.37 16.85
C LYS A 82 -10.10 6.61 16.67
N GLN A 83 -9.45 5.77 15.87
CA GLN A 83 -8.05 5.97 15.58
C GLN A 83 -7.97 6.60 14.20
N ASN A 84 -7.49 7.82 14.15
CA ASN A 84 -7.31 8.51 12.88
CA ASN A 84 -7.31 8.53 12.89
C ASN A 84 -5.84 8.89 12.73
N VAL A 85 -5.08 8.00 12.12
CA VAL A 85 -3.63 8.19 12.09
C VAL A 85 -3.04 8.01 10.68
N GLU A 86 -1.84 8.56 10.50
CA GLU A 86 -1.11 8.44 9.25
C GLU A 86 0.21 7.81 9.60
N LEU A 87 0.29 6.49 9.33
CA LEU A 87 1.45 5.65 9.76
C LEU A 87 2.70 5.96 8.96
N SER A 88 3.86 5.85 9.61
CA SER A 88 5.16 6.28 9.02
C SER A 88 5.69 5.28 8.02
N ALA A 89 5.72 5.65 6.73
CA ALA A 89 6.44 4.87 5.72
C ALA A 89 7.92 4.67 6.08
N VAL A 90 8.59 5.73 6.59
CA VAL A 90 10.03 5.65 6.88
C VAL A 90 10.32 4.66 8.01
N ASP A 91 9.48 4.61 9.05
CA ASP A 91 9.70 3.68 10.16
C ASP A 91 9.70 2.24 9.63
N LEU A 92 8.70 1.91 8.82
CA LEU A 92 8.60 0.53 8.25
C LEU A 92 9.74 0.24 7.29
N LEU A 93 9.96 1.16 6.36
CA LEU A 93 11.06 1.07 5.40
C LEU A 93 12.44 0.83 6.00
N SER A 94 12.75 1.53 7.08
CA SER A 94 14.10 1.54 7.61
C SER A 94 14.31 0.47 8.67
N CYS A 95 13.24 0.02 9.32
CA CYS A 95 13.38 -0.83 10.51
C CYS A 95 13.01 -2.31 10.27
N CYS A 96 12.20 -2.59 9.26
CA CYS A 96 11.81 -3.99 9.04
C CYS A 96 12.94 -4.72 8.28
N GLU A 97 13.62 -5.66 8.95
CA GLU A 97 14.79 -6.38 8.43
CA GLU A 97 14.78 -6.32 8.32
C GLU A 97 14.39 -7.59 7.57
N SER A 98 13.19 -8.11 7.79
CA SER A 98 12.73 -9.31 7.08
C SER A 98 11.89 -8.90 5.85
N CYS A 99 11.72 -7.61 5.65
CA CYS A 99 10.91 -7.09 4.55
C CYS A 99 11.68 -6.88 3.25
N GLY A 100 13.00 -6.96 3.28
CA GLY A 100 13.79 -6.84 2.02
C GLY A 100 14.86 -5.78 2.14
N LEU A 101 14.99 -4.91 1.15
CA LEU A 101 16.14 -4.01 1.10
C LEU A 101 15.81 -2.51 1.03
N GLY A 102 14.84 -2.07 1.82
CA GLY A 102 14.60 -0.64 1.99
C GLY A 102 14.27 0.04 0.67
N CYS A 103 15.02 1.10 0.32
CA CYS A 103 14.86 1.80 -0.93
C CYS A 103 15.23 0.97 -2.15
N GLU A 104 15.83 -0.20 -1.95
CA GLU A 104 16.16 -1.07 -3.11
C GLU A 104 15.11 -2.16 -3.41
N GLY A 105 13.92 -2.02 -2.83
CA GLY A 105 12.86 -3.00 -3.08
C GLY A 105 12.56 -3.86 -1.85
N GLY A 106 11.34 -4.35 -1.75
CA GLY A 106 10.96 -5.14 -0.59
C GLY A 106 9.75 -6.02 -0.91
N ILE A 107 9.27 -6.68 0.13
CA ILE A 107 8.34 -7.81 0.02
C ILE A 107 7.13 -7.43 0.87
N LEU A 108 5.92 -7.65 0.37
CA LEU A 108 4.66 -7.19 1.01
CA LEU A 108 4.80 -7.07 1.10
C LEU A 108 4.33 -7.91 2.30
N GLY A 109 4.28 -9.23 2.18
CA GLY A 109 3.80 -10.07 3.27
C GLY A 109 4.43 -9.75 4.63
N PRO A 110 5.77 -9.75 4.71
CA PRO A 110 6.45 -9.48 5.97
C PRO A 110 6.20 -8.08 6.54
N ALA A 111 5.81 -7.10 5.73
CA ALA A 111 5.49 -5.76 6.27
C ALA A 111 4.25 -5.83 7.19
N TRP A 112 3.27 -6.64 6.78
CA TRP A 112 2.07 -6.85 7.61
C TRP A 112 2.40 -7.68 8.87
N ASP A 113 3.28 -8.66 8.73
CA ASP A 113 3.79 -9.38 9.92
C ASP A 113 4.49 -8.41 10.90
N TYR A 114 5.28 -7.50 10.35
CA TYR A 114 6.01 -6.52 11.15
C TYR A 114 5.06 -5.58 11.91
N TRP A 115 4.04 -5.08 11.23
CA TRP A 115 2.96 -4.28 11.84
C TRP A 115 2.29 -4.98 13.02
N VAL A 116 2.09 -6.29 12.91
CA VAL A 116 1.53 -7.06 14.01
C VAL A 116 2.54 -7.25 15.15
N LYS A 117 3.76 -7.61 14.78
CA LYS A 117 4.74 -7.95 15.85
C LYS A 117 5.31 -6.73 16.56
N GLU A 118 5.78 -5.76 15.79
CA GLU A 118 6.51 -4.61 16.32
C GLU A 118 5.67 -3.33 16.31
N GLY A 119 4.77 -3.24 15.34
CA GLY A 119 3.97 -2.01 15.15
C GLY A 119 4.75 -0.95 14.37
N ILE A 120 4.05 0.13 14.01
CA ILE A 120 4.66 1.20 13.20
C ILE A 120 4.19 2.54 13.79
N VAL A 121 5.15 3.47 13.97
CA VAL A 121 4.82 4.81 14.50
C VAL A 121 4.06 5.67 13.49
N THR A 122 3.59 6.83 13.94
CA THR A 122 2.97 7.78 13.01
C THR A 122 4.03 8.59 12.24
N GLY A 123 3.63 9.19 11.14
CA GLY A 123 4.55 10.04 10.38
C GLY A 123 3.93 10.48 9.05
N SER A 124 3.93 11.80 8.83
CA SER A 124 3.32 12.38 7.61
C SER A 124 4.28 12.39 6.44
N SER A 125 3.83 13.02 5.35
CA SER A 125 4.70 13.37 4.23
C SER A 125 5.78 14.36 4.70
N LYS A 126 6.85 14.52 3.90
CA LYS A 126 7.93 15.46 4.25
C LYS A 126 7.36 16.84 4.41
N GLU A 127 6.50 17.22 3.48
CA GLU A 127 5.98 18.57 3.41
CA GLU A 127 5.99 18.58 3.42
C GLU A 127 5.11 18.91 4.63
N ASN A 128 4.42 17.91 5.16
CA ASN A 128 3.58 18.13 6.32
C ASN A 128 4.35 18.11 7.68
N HIS A 129 5.56 17.53 7.68
CA HIS A 129 6.47 17.50 8.86
C HIS A 129 5.73 17.16 10.17
N ALA A 130 4.81 16.20 10.14
CA ALA A 130 3.97 15.89 11.28
C ALA A 130 4.15 14.45 11.78
N GLY A 131 3.77 14.18 13.04
CA GLY A 131 3.86 12.81 13.59
C GLY A 131 5.28 12.43 14.04
N CYS A 132 5.47 11.20 14.46
CA CYS A 132 6.76 10.80 15.02
C CYS A 132 7.89 10.85 14.00
N GLU A 133 7.68 10.24 12.83
CA GLU A 133 8.74 10.10 11.81
C GLU A 133 8.22 10.39 10.39
N PRO A 134 8.07 11.69 10.05
CA PRO A 134 7.64 12.08 8.70
C PRO A 134 8.62 11.61 7.64
N TYR A 135 8.17 11.52 6.40
CA TYR A 135 9.00 10.93 5.35
C TYR A 135 10.12 11.91 5.05
N PRO A 136 11.38 11.43 4.90
CA PRO A 136 12.52 12.31 4.70
C PRO A 136 12.72 12.81 3.26
N PHE A 137 12.01 12.20 2.30
CA PHE A 137 12.24 12.43 0.86
C PHE A 137 11.13 13.23 0.18
N PRO A 138 11.51 14.19 -0.71
CA PRO A 138 10.51 15.10 -1.32
C PRO A 138 9.67 14.49 -2.44
N LYS A 139 8.51 15.07 -2.71
CA LYS A 139 7.70 14.69 -3.86
C LYS A 139 8.46 14.95 -5.16
N CYS A 140 8.25 14.08 -6.15
CA CYS A 140 8.87 14.20 -7.46
C CYS A 140 8.02 13.50 -8.52
N GLU A 141 8.22 13.87 -9.79
CA GLU A 141 7.36 13.31 -10.84
C GLU A 141 7.86 11.95 -11.31
N HIS A 142 6.94 10.98 -11.32
CA HIS A 142 7.26 9.63 -11.72
C HIS A 142 6.74 9.40 -13.13
N HIS A 143 7.63 9.42 -14.11
CA HIS A 143 7.29 9.07 -15.51
C HIS A 143 6.25 10.00 -16.14
N THR A 144 6.21 11.24 -15.66
CA THR A 144 5.29 12.26 -16.18
C THR A 144 5.89 13.65 -15.91
N LYS A 145 5.19 14.70 -16.33
CA LYS A 145 5.60 16.07 -16.03
C LYS A 145 4.49 16.78 -15.26
N GLY A 146 4.86 17.71 -14.39
CA GLY A 146 3.88 18.35 -13.54
C GLY A 146 4.55 19.36 -12.66
N LYS A 147 3.96 19.56 -11.49
CA LYS A 147 4.37 20.65 -10.64
C LYS A 147 5.62 20.36 -9.84
N TYR A 148 6.00 19.08 -9.74
CA TYR A 148 7.18 18.66 -8.98
C TYR A 148 8.37 18.43 -9.90
N PRO A 149 9.59 18.51 -9.36
CA PRO A 149 10.76 18.12 -10.17
C PRO A 149 10.70 16.63 -10.61
N PRO A 150 11.28 16.31 -11.77
CA PRO A 150 11.31 14.87 -12.16
C PRO A 150 12.08 14.03 -11.13
N CYS A 151 11.61 12.81 -10.89
CA CYS A 151 12.34 11.90 -9.98
C CYS A 151 13.73 11.57 -10.55
N GLY A 152 13.80 11.32 -11.86
CA GLY A 152 15.06 10.92 -12.49
C GLY A 152 15.36 9.48 -12.12
N SER A 153 16.59 9.04 -12.34
CA SER A 153 16.96 7.65 -12.11
C SER A 153 17.75 7.38 -10.83
N LYS A 154 18.12 8.42 -10.06
CA LYS A 154 18.88 8.21 -8.82
C LYS A 154 17.98 7.73 -7.69
N ILE A 155 18.53 6.90 -6.81
CA ILE A 155 17.76 6.31 -5.73
C ILE A 155 18.42 6.72 -4.42
N TYR A 156 17.64 7.19 -3.46
CA TYR A 156 18.20 7.45 -2.13
C TYR A 156 18.71 6.19 -1.43
N LYS A 157 19.72 6.33 -0.57
CA LYS A 157 20.11 5.21 0.29
C LYS A 157 19.03 5.03 1.36
N THR A 158 18.78 3.78 1.75
CA THR A 158 17.82 3.51 2.82
C THR A 158 18.28 4.21 4.10
N PRO A 159 17.40 5.00 4.75
CA PRO A 159 17.81 5.63 6.01
C PRO A 159 18.05 4.54 7.05
N ARG A 160 18.87 4.83 8.05
CA ARG A 160 19.06 3.93 9.19
CA ARG A 160 19.05 3.91 9.16
C ARG A 160 17.78 3.86 10.00
N CYS A 161 17.59 2.78 10.75
CA CYS A 161 16.42 2.67 11.66
C CYS A 161 16.58 3.51 12.95
N LYS A 162 15.98 4.70 13.12
N LYS A 162 16.01 4.71 12.81
CA LYS A 162 16.40 5.62 14.26
CA LYS A 162 15.63 5.57 13.90
C LYS A 162 15.89 5.50 15.74
C LYS A 162 14.45 4.96 14.63
N GLN A 163 14.76 4.84 15.88
CA GLN A 163 13.92 4.59 17.06
C GLN A 163 13.79 5.81 17.98
N THR A 164 13.60 6.98 17.38
CA THR A 164 13.26 8.19 18.11
CA THR A 164 13.33 8.24 18.07
C THR A 164 12.39 9.10 17.23
N CYS A 165 11.54 9.88 17.86
CA CYS A 165 10.65 10.74 17.09
C CYS A 165 11.35 12.07 16.78
N GLN A 166 10.85 12.81 15.80
CA GLN A 166 11.30 14.19 15.61
C GLN A 166 11.14 15.02 16.91
N LYS A 167 11.99 16.03 17.06
CA LYS A 167 12.08 16.80 18.31
C LYS A 167 10.75 17.28 18.89
N LYS A 168 9.90 17.86 18.05
CA LYS A 168 8.67 18.49 18.54
C LYS A 168 7.57 17.49 18.90
N TYR A 169 7.66 16.26 18.42
CA TYR A 169 6.63 15.26 18.70
C TYR A 169 6.81 14.64 20.10
N LYS A 170 5.80 14.77 20.95
CA LYS A 170 5.90 14.41 22.37
C LYS A 170 5.82 12.94 22.77
N THR A 171 5.04 12.13 22.06
CA THR A 171 4.90 10.72 22.42
C THR A 171 6.17 9.96 22.01
N PRO A 172 6.81 9.26 22.99
CA PRO A 172 8.05 8.55 22.69
C PRO A 172 7.80 7.50 21.62
N TYR A 173 8.84 7.25 20.82
CA TYR A 173 8.80 6.31 19.71
C TYR A 173 8.09 5.00 20.05
N THR A 174 8.56 4.28 21.05
CA THR A 174 7.92 3.01 21.46
CA THR A 174 7.93 3.00 21.43
C THR A 174 6.42 3.13 21.77
N GLN A 175 6.03 4.18 22.48
CA GLN A 175 4.63 4.34 22.84
C GLN A 175 3.79 4.86 21.65
N ASP A 176 4.45 5.31 20.58
CA ASP A 176 3.74 5.78 19.38
C ASP A 176 3.43 4.63 18.39
N LYS A 177 3.94 3.44 18.66
CA LYS A 177 3.72 2.27 17.81
CA LYS A 177 3.72 2.26 17.83
C LYS A 177 2.24 1.88 17.76
N HIS A 178 1.75 1.66 16.55
CA HIS A 178 0.40 1.14 16.36
C HIS A 178 0.58 -0.25 15.77
N ARG A 179 0.02 -1.28 16.43
CA ARG A 179 0.13 -2.68 15.99
C ARG A 179 -1.15 -3.29 15.45
N GLY A 180 -1.03 -4.12 14.43
CA GLY A 180 -2.15 -4.99 14.06
C GLY A 180 -2.26 -6.15 15.05
N LYS A 181 -3.40 -6.83 15.00
CA LYS A 181 -3.61 -8.03 15.80
C LYS A 181 -3.32 -9.31 15.00
N SER A 182 -3.50 -9.23 13.66
CA SER A 182 -3.38 -10.39 12.80
C SER A 182 -2.98 -9.97 11.38
N SER A 183 -2.21 -10.82 10.70
CA SER A 183 -1.93 -10.57 9.29
C SER A 183 -2.32 -11.81 8.50
N TYR A 184 -2.54 -11.66 7.20
CA TYR A 184 -2.96 -12.81 6.40
C TYR A 184 -2.85 -12.53 4.93
N ASN A 185 -2.77 -13.60 4.16
CA ASN A 185 -2.84 -13.47 2.70
C ASN A 185 -4.34 -13.54 2.32
N VAL A 186 -4.73 -12.98 1.16
CA VAL A 186 -6.06 -13.25 0.62
C VAL A 186 -5.92 -14.21 -0.56
N LYS A 187 -6.83 -15.19 -0.63
CA LYS A 187 -6.83 -16.20 -1.67
C LYS A 187 -6.87 -15.51 -3.03
N ASN A 188 -6.13 -16.05 -3.99
CA ASN A 188 -6.21 -15.55 -5.38
C ASN A 188 -7.58 -15.89 -5.96
N ASP A 189 -8.55 -15.00 -5.76
CA ASP A 189 -9.92 -15.29 -6.08
C ASP A 189 -10.62 -13.95 -6.03
N GLU A 190 -11.21 -13.56 -7.17
CA GLU A 190 -11.86 -12.27 -7.27
C GLU A 190 -12.85 -12.00 -6.13
N LYS A 191 -13.81 -12.91 -5.92
CA LYS A 191 -14.84 -12.72 -4.90
C LYS A 191 -14.24 -12.65 -3.49
N ALA A 192 -13.22 -13.44 -3.22
CA ALA A 192 -12.59 -13.34 -1.88
C ALA A 192 -11.95 -11.96 -1.65
N ILE A 193 -11.31 -11.39 -2.68
CA ILE A 193 -10.67 -10.05 -2.59
C ILE A 193 -11.75 -8.97 -2.37
N GLN A 194 -12.84 -9.05 -3.17
CA GLN A 194 -13.98 -8.11 -3.03
C GLN A 194 -14.58 -8.16 -1.60
N LYS A 195 -14.81 -9.38 -1.10
CA LYS A 195 -15.43 -9.58 0.21
C LYS A 195 -14.52 -8.96 1.29
N GLU A 196 -13.24 -9.23 1.18
CA GLU A 196 -12.23 -8.69 2.12
C GLU A 196 -12.23 -7.14 2.17
N ILE A 197 -12.21 -6.52 0.99
CA ILE A 197 -12.12 -5.06 0.92
C ILE A 197 -13.44 -4.47 1.47
N MET A 198 -14.59 -5.03 1.11
CA MET A 198 -15.84 -4.39 1.56
C MET A 198 -16.09 -4.56 3.06
N LYS A 199 -15.58 -5.64 3.65
CA LYS A 199 -15.76 -5.85 5.07
C LYS A 199 -14.71 -5.15 5.94
N TYR A 200 -13.44 -5.27 5.53
CA TYR A 200 -12.31 -4.87 6.38
C TYR A 200 -11.48 -3.70 5.85
N GLY A 201 -11.74 -3.30 4.61
CA GLY A 201 -11.03 -2.16 4.07
C GLY A 201 -10.02 -2.44 2.99
N PRO A 202 -9.38 -1.37 2.48
CA PRO A 202 -8.38 -1.56 1.41
C PRO A 202 -7.28 -2.57 1.75
N VAL A 203 -6.77 -3.23 0.71
CA VAL A 203 -5.74 -4.26 0.89
C VAL A 203 -4.47 -3.82 0.15
N GLU A 204 -3.34 -4.44 0.47
CA GLU A 204 -2.16 -4.21 -0.34
C GLU A 204 -2.10 -5.32 -1.39
N ALA A 205 -1.53 -5.02 -2.55
CA ALA A 205 -1.37 -6.06 -3.58
C ALA A 205 -0.17 -5.74 -4.42
N GLY A 206 0.30 -6.74 -5.18
CA GLY A 206 1.46 -6.53 -6.01
C GLY A 206 1.15 -6.98 -7.43
N PHE A 207 1.83 -6.37 -8.40
CA PHE A 207 1.59 -6.76 -9.79
C PHE A 207 2.85 -6.62 -10.61
N THR A 208 2.86 -7.25 -11.78
CA THR A 208 4.00 -7.19 -12.65
C THR A 208 3.97 -5.91 -13.48
N VAL A 209 5.07 -5.15 -13.49
CA VAL A 209 5.21 -3.92 -14.28
C VAL A 209 5.79 -4.20 -15.66
N TYR A 210 5.06 -3.79 -16.69
CA TYR A 210 5.58 -3.86 -18.05
C TYR A 210 5.84 -2.44 -18.55
N GLU A 211 6.64 -2.30 -19.60
CA GLU A 211 7.04 -0.98 -20.08
C GLU A 211 5.84 -0.07 -20.36
N ASP A 212 4.71 -0.63 -20.78
CA ASP A 212 3.59 0.20 -21.20
C ASP A 212 2.87 0.80 -19.98
N PHE A 213 3.10 0.25 -18.79
CA PHE A 213 2.54 0.86 -17.57
C PHE A 213 3.08 2.29 -17.34
N LEU A 214 4.33 2.51 -17.72
CA LEU A 214 4.98 3.81 -17.48
C LEU A 214 4.43 4.89 -18.43
N ASN A 215 3.56 4.50 -19.37
CA ASN A 215 2.90 5.44 -20.28
C ASN A 215 1.43 5.62 -19.94
N TYR A 216 0.95 4.89 -18.95
CA TYR A 216 -0.47 4.97 -18.54
C TYR A 216 -0.82 6.40 -18.13
N LYS A 217 -1.88 6.97 -18.70
CA LYS A 217 -2.39 8.29 -18.29
C LYS A 217 -3.80 8.16 -17.76
N SER A 218 -4.57 7.24 -18.35
CA SER A 218 -5.99 7.13 -18.01
C SER A 218 -6.61 5.86 -18.56
N GLY A 219 -7.76 5.50 -18.01
CA GLY A 219 -8.51 4.32 -18.47
C GLY A 219 -8.30 3.06 -17.64
N ILE A 220 -8.72 1.91 -18.20
CA ILE A 220 -8.51 0.65 -17.47
C ILE A 220 -7.24 0.07 -18.03
N TYR A 221 -6.20 0.00 -17.20
CA TYR A 221 -4.92 -0.52 -17.66
C TYR A 221 -5.00 -2.03 -17.92
N LYS A 222 -4.36 -2.43 -19.01
CA LYS A 222 -4.00 -3.81 -19.24
C LYS A 222 -2.73 -3.83 -20.09
N HIS A 223 -1.90 -4.83 -19.82
CA HIS A 223 -0.61 -4.94 -20.49
C HIS A 223 -0.84 -5.34 -21.93
N ILE A 224 -0.30 -4.56 -22.86
CA ILE A 224 -0.48 -4.76 -24.32
CA ILE A 224 -0.45 -4.89 -24.28
C ILE A 224 0.88 -4.89 -25.03
N THR A 225 1.80 -3.98 -24.70
CA THR A 225 3.16 -3.92 -25.36
C THR A 225 4.24 -3.77 -24.29
N GLY A 226 5.47 -4.07 -24.66
CA GLY A 226 6.62 -3.81 -23.77
C GLY A 226 7.03 -4.99 -22.88
N GLU A 227 8.29 -4.98 -22.46
CA GLU A 227 8.85 -6.04 -21.62
C GLU A 227 8.61 -5.78 -20.15
N THR A 228 8.82 -6.82 -19.35
CA THR A 228 8.66 -6.69 -17.92
C THR A 228 9.78 -5.82 -17.31
N LEU A 229 9.41 -4.98 -16.36
CA LEU A 229 10.36 -4.13 -15.64
C LEU A 229 10.52 -4.57 -14.19
N GLY A 230 9.69 -5.48 -13.73
CA GLY A 230 9.80 -5.87 -12.33
C GLY A 230 8.44 -5.89 -11.69
N GLY A 231 8.38 -5.61 -10.39
CA GLY A 231 7.16 -5.68 -9.62
C GLY A 231 6.85 -4.37 -8.91
N HIS A 232 5.58 -4.17 -8.61
CA HIS A 232 5.17 -2.97 -7.91
C HIS A 232 4.12 -3.34 -6.86
N ALA A 233 4.10 -2.63 -5.75
CA ALA A 233 3.12 -2.86 -4.69
C ALA A 233 2.21 -1.64 -4.52
N ILE A 234 0.91 -1.87 -4.42
CA ILE A 234 -0.07 -0.77 -4.41
C ILE A 234 -1.21 -1.09 -3.45
N ARG A 235 -2.22 -0.23 -3.41
CA ARG A 235 -3.31 -0.38 -2.45
C ARG A 235 -4.62 -0.46 -3.24
N ILE A 236 -5.34 -1.60 -3.15
CA ILE A 236 -6.63 -1.74 -3.85
C ILE A 236 -7.73 -1.19 -2.95
N ILE A 237 -8.50 -0.21 -3.43
CA ILE A 237 -9.53 0.45 -2.58
C ILE A 237 -11.00 0.13 -2.94
N GLY A 238 -11.18 -0.53 -4.08
CA GLY A 238 -12.52 -0.87 -4.54
C GLY A 238 -12.48 -1.46 -5.94
N TRP A 239 -13.64 -1.42 -6.60
CA TRP A 239 -13.80 -2.04 -7.94
C TRP A 239 -15.02 -1.42 -8.61
N GLY A 240 -15.13 -1.66 -9.90
CA GLY A 240 -16.23 -1.14 -10.65
C GLY A 240 -16.24 -1.69 -12.05
N VAL A 241 -17.10 -1.10 -12.88
CA VAL A 241 -17.30 -1.58 -14.23
CA VAL A 241 -17.39 -1.59 -14.23
C VAL A 241 -17.52 -0.39 -15.17
N GLU A 242 -16.85 -0.44 -16.34
CA GLU A 242 -17.09 0.59 -17.34
C GLU A 242 -17.37 -0.11 -18.68
N ASN A 243 -18.51 0.21 -19.31
CA ASN A 243 -18.89 -0.40 -20.59
C ASN A 243 -18.69 -1.91 -20.53
N LYS A 244 -19.20 -2.50 -19.46
CA LYS A 244 -19.19 -3.93 -19.21
C LYS A 244 -17.84 -4.52 -18.82
N ALA A 245 -16.77 -3.73 -18.86
CA ALA A 245 -15.45 -4.22 -18.49
C ALA A 245 -15.18 -4.05 -16.96
N PRO A 246 -14.95 -5.18 -16.24
CA PRO A 246 -14.67 -5.05 -14.78
C PRO A 246 -13.25 -4.55 -14.48
N TYR A 247 -13.08 -3.74 -13.42
CA TYR A 247 -11.76 -3.25 -13.01
C TYR A 247 -11.58 -3.20 -11.50
N TRP A 248 -10.31 -3.17 -11.06
CA TRP A 248 -10.02 -2.78 -9.67
C TRP A 248 -9.68 -1.30 -9.68
N LEU A 249 -10.04 -0.60 -8.60
CA LEU A 249 -9.67 0.78 -8.34
C LEU A 249 -8.51 0.77 -7.35
N ILE A 250 -7.41 1.42 -7.72
CA ILE A 250 -6.14 1.28 -7.03
C ILE A 250 -5.47 2.64 -6.78
N ALA A 251 -5.00 2.84 -5.54
CA ALA A 251 -4.11 3.99 -5.21
C ALA A 251 -2.63 3.64 -5.48
N ASN A 252 -1.96 4.43 -6.33
CA ASN A 252 -0.52 4.32 -6.56
C ASN A 252 0.15 5.28 -5.55
N SER A 253 1.48 5.17 -5.43
CA SER A 253 2.22 5.99 -4.48
C SER A 253 3.19 6.90 -5.23
N TRP A 254 2.73 7.45 -6.35
CA TRP A 254 3.53 8.35 -7.17
C TRP A 254 2.94 9.77 -7.25
N ASN A 255 2.32 10.19 -6.15
CA ASN A 255 1.64 11.49 -6.00
C ASN A 255 0.43 11.71 -6.93
N GLU A 256 -0.27 12.80 -6.70
CA GLU A 256 -1.56 13.05 -7.34
CA GLU A 256 -1.54 13.11 -7.31
C GLU A 256 -1.46 13.47 -8.81
N ASP A 257 -0.25 13.84 -9.28
CA ASP A 257 -0.07 14.23 -10.68
C ASP A 257 0.01 13.02 -11.64
N TRP A 258 0.26 11.84 -11.09
CA TRP A 258 0.35 10.62 -11.89
C TRP A 258 -1.04 9.99 -12.14
N GLY A 259 -1.27 9.50 -13.36
CA GLY A 259 -2.44 8.65 -13.61
C GLY A 259 -3.76 9.39 -13.48
N GLU A 260 -4.73 8.77 -12.81
CA GLU A 260 -6.05 9.39 -12.62
C GLU A 260 -6.05 10.06 -11.26
N ASN A 261 -5.39 11.21 -11.17
CA ASN A 261 -5.28 11.95 -9.92
C ASN A 261 -4.64 11.09 -8.81
N GLY A 262 -3.67 10.24 -9.19
CA GLY A 262 -2.95 9.43 -8.23
C GLY A 262 -3.37 7.97 -8.22
N TYR A 263 -4.57 7.73 -8.75
CA TYR A 263 -5.19 6.42 -8.80
C TYR A 263 -5.02 5.85 -10.20
N PHE A 264 -5.32 4.56 -10.32
CA PHE A 264 -5.52 3.94 -11.64
C PHE A 264 -6.52 2.79 -11.57
N ARG A 265 -6.92 2.32 -12.74
CA ARG A 265 -7.80 1.15 -12.81
C ARG A 265 -7.09 0.10 -13.64
N ILE A 266 -7.32 -1.17 -13.33
CA ILE A 266 -6.71 -2.28 -14.04
C ILE A 266 -7.76 -3.38 -14.20
N VAL A 267 -7.69 -4.13 -15.30
CA VAL A 267 -8.60 -5.25 -15.49
C VAL A 267 -8.72 -6.13 -14.19
N ARG A 268 -9.96 -6.50 -13.86
CA ARG A 268 -10.26 -7.36 -12.72
C ARG A 268 -10.83 -8.70 -13.17
N GLY A 269 -10.50 -9.75 -12.43
CA GLY A 269 -11.09 -11.08 -12.67
C GLY A 269 -10.28 -12.01 -13.55
N ARG A 270 -9.16 -11.56 -14.07
CA ARG A 270 -8.34 -12.40 -14.96
C ARG A 270 -6.87 -12.51 -14.52
N ASP A 271 -6.58 -12.15 -13.26
CA ASP A 271 -5.21 -12.10 -12.73
C ASP A 271 -4.24 -11.36 -13.67
N GLU A 272 -4.74 -10.25 -14.23
CA GLU A 272 -3.98 -9.34 -15.08
C GLU A 272 -2.73 -8.83 -14.36
N CYS A 273 -1.56 -9.05 -14.97
CA CYS A 273 -0.27 -8.71 -14.36
C CYS A 273 -0.16 -9.32 -12.95
N SER A 274 -0.87 -10.42 -12.70
CA SER A 274 -0.80 -11.14 -11.41
C SER A 274 -1.37 -10.32 -10.24
N ILE A 275 -2.25 -9.39 -10.58
CA ILE A 275 -2.83 -8.44 -9.59
C ILE A 275 -3.56 -9.15 -8.44
N GLU A 276 -4.02 -10.38 -8.69
CA GLU A 276 -4.86 -11.07 -7.71
C GLU A 276 -4.07 -12.15 -6.95
N SER A 277 -2.75 -12.16 -7.17
CA SER A 277 -1.84 -13.25 -6.72
CA SER A 277 -1.91 -13.27 -6.68
C SER A 277 -1.13 -13.00 -5.39
N GLU A 278 -0.98 -11.74 -4.97
CA GLU A 278 -0.17 -11.44 -3.76
C GLU A 278 -0.90 -10.45 -2.88
N VAL A 279 -2.19 -10.68 -2.65
CA VAL A 279 -3.03 -9.78 -1.85
C VAL A 279 -2.77 -10.10 -0.39
N THR A 280 -2.54 -9.05 0.40
CA THR A 280 -2.16 -9.20 1.80
C THR A 280 -2.79 -8.09 2.60
N ALA A 281 -3.25 -8.45 3.80
CA ALA A 281 -3.82 -7.45 4.70
C ALA A 281 -3.71 -7.95 6.17
N GLY A 282 -4.54 -7.39 7.04
CA GLY A 282 -4.52 -7.77 8.45
C GLY A 282 -5.52 -6.89 9.17
N ARG A 283 -5.72 -7.14 10.46
CA ARG A 283 -6.79 -6.52 11.21
C ARG A 283 -6.24 -6.04 12.55
N ILE A 284 -6.85 -4.99 13.09
CA ILE A 284 -6.37 -4.47 14.37
C ILE A 284 -7.06 -5.11 15.56
N ASN A 285 -8.14 -5.83 15.30
CA ASN A 285 -8.91 -6.48 16.37
C ASN A 285 -9.74 -7.65 15.83
NA NA B . 4.19 9.86 3.49
#